data_3G9O
#
_entry.id   3G9O
#
_cell.length_a   117.382
_cell.length_b   38.470
_cell.length_c   97.039
_cell.angle_alpha   90.00
_cell.angle_beta   123.44
_cell.angle_gamma   90.00
#
_symmetry.space_group_name_H-M   'C 1 2 1'
#
loop_
_entity.id
_entity.type
_entity.pdbx_description
1 polymer 'Glucocorticoid receptor'
2 polymer "DNA (5'-D(*TP*CP*GP*GP*AP*CP*AP*AP*AP*AP*TP*GP*TP*TP*CP*T)-3')"
3 polymer "DNA (5'-D(*AP*AP*GP*AP*AP*CP*AP*TP*TP*TP*TP*GP*TP*CP*CP*G)-3')"
4 non-polymer 'ZINC ION'
5 water water
#
loop_
_entity_poly.entity_id
_entity_poly.type
_entity_poly.pdbx_seq_one_letter_code
_entity_poly.pdbx_strand_id
1 'polypeptide(L)'
;GSHMCLVCSDEASGCHYGVLTCGSCKVFFKRAVEGQHNYLCAGRNDCIIDKIRRKNCPACRYRKCLQAGMNLEARKTKKK
IKGIQQATAG
;
B,A
2 'polydeoxyribonucleotide' (DT)(DC)(DG)(DG)(DA)(DC)(DA)(DA)(DA)(DA)(DT)(DG)(DT)(DT)(DC)(DT) C
3 'polydeoxyribonucleotide' (DA)(DA)(DG)(DA)(DA)(DC)(DA)(DT)(DT)(DT)(DT)(DG)(DT)(DC)(DC)(DG) D
#
loop_
_chem_comp.id
_chem_comp.type
_chem_comp.name
_chem_comp.formula
DA DNA linking 2'-DEOXYADENOSINE-5'-MONOPHOSPHATE 'C10 H14 N5 O6 P'
DC DNA linking 2'-DEOXYCYTIDINE-5'-MONOPHOSPHATE 'C9 H14 N3 O7 P'
DG DNA linking 2'-DEOXYGUANOSINE-5'-MONOPHOSPHATE 'C10 H14 N5 O7 P'
DT DNA linking THYMIDINE-5'-MONOPHOSPHATE 'C10 H15 N2 O8 P'
ZN non-polymer 'ZINC ION' 'Zn 2'
#
# COMPACT_ATOMS: atom_id res chain seq x y z
N SER A 2 -1.20 26.95 -3.89
CA SER A 2 -2.10 27.43 -4.94
C SER A 2 -2.17 26.45 -6.10
N HIS A 3 -1.23 25.52 -6.13
CA HIS A 3 -1.26 24.45 -7.12
C HIS A 3 -0.63 23.19 -6.52
N MET A 4 -1.02 22.90 -5.30
CA MET A 4 -0.71 21.62 -4.66
C MET A 4 -1.97 20.84 -4.44
N CYS A 5 -1.94 19.56 -4.81
CA CYS A 5 -3.03 18.66 -4.49
C CYS A 5 -3.23 18.68 -2.99
N LEU A 6 -4.47 18.86 -2.55
CA LEU A 6 -4.80 18.92 -1.13
C LEU A 6 -4.80 17.53 -0.47
N VAL A 7 -4.78 16.48 -1.29
CA VAL A 7 -4.74 15.11 -0.76
C VAL A 7 -3.30 14.63 -0.65
N CYS A 8 -2.53 14.73 -1.74
CA CYS A 8 -1.17 14.17 -1.74
C CYS A 8 -0.03 15.16 -1.93
N SER A 9 -0.34 16.44 -2.10
CA SER A 9 0.68 17.48 -2.25
C SER A 9 1.44 17.40 -3.58
N ASP A 10 1.06 16.47 -4.45
CA ASP A 10 1.62 16.46 -5.80
C ASP A 10 1.23 17.77 -6.49
N GLU A 11 1.68 17.97 -7.72
CA GLU A 11 1.29 19.16 -8.47
C GLU A 11 -0.17 19.00 -8.90
N ALA A 12 -0.99 19.97 -8.54
CA ALA A 12 -2.43 19.89 -8.78
C ALA A 12 -2.79 20.40 -10.17
N SER A 13 -3.55 19.61 -10.91
CA SER A 13 -4.00 20.03 -12.22
C SER A 13 -5.05 21.14 -12.09
N GLY A 14 -6.15 20.85 -11.40
CA GLY A 14 -7.18 21.84 -11.17
C GLY A 14 -8.13 21.43 -10.07
N CYS A 15 -9.39 21.86 -10.17
CA CYS A 15 -10.40 21.50 -9.19
C CYS A 15 -11.17 20.29 -9.68
N HIS A 16 -11.18 19.21 -8.91
CA HIS A 16 -11.92 18.01 -9.26
C HIS A 16 -12.87 17.58 -8.16
N TYR A 17 -14.14 17.37 -8.51
CA TYR A 17 -15.11 16.88 -7.54
C TYR A 17 -15.13 17.77 -6.31
N GLY A 18 -14.79 19.04 -6.51
CA GLY A 18 -14.95 20.05 -5.46
C GLY A 18 -13.66 20.48 -4.77
N VAL A 19 -12.54 19.86 -5.12
CA VAL A 19 -11.30 20.07 -4.39
C VAL A 19 -10.11 20.19 -5.32
N LEU A 20 -9.20 21.10 -5.03
CA LEU A 20 -7.95 21.18 -5.78
C LEU A 20 -7.15 19.87 -5.60
N THR A 21 -7.04 19.08 -6.66
CA THR A 21 -6.34 17.80 -6.58
C THR A 21 -5.55 17.55 -7.84
N CYS A 22 -4.70 16.52 -7.80
CA CYS A 22 -3.93 16.12 -8.96
C CYS A 22 -4.75 15.14 -9.77
N GLY A 23 -4.27 14.80 -10.96
CA GLY A 23 -4.99 13.88 -11.82
C GLY A 23 -5.11 12.48 -11.20
N SER A 24 -4.05 12.03 -10.53
CA SER A 24 -4.09 10.68 -9.98
C SER A 24 -5.08 10.60 -8.81
N CYS A 25 -5.18 11.65 -8.00
CA CYS A 25 -6.11 11.60 -6.88
C CYS A 25 -7.55 11.72 -7.36
N LYS A 26 -7.78 12.51 -8.41
CA LYS A 26 -9.09 12.58 -9.05
C LYS A 26 -9.59 11.21 -9.50
N VAL A 27 -8.77 10.46 -10.23
CA VAL A 27 -9.25 9.19 -10.75
C VAL A 27 -9.34 8.13 -9.63
N PHE A 28 -8.42 8.21 -8.67
CA PHE A 28 -8.49 7.35 -7.49
C PHE A 28 -9.81 7.56 -6.76
N PHE A 29 -10.22 8.83 -6.60
CA PHE A 29 -11.42 9.08 -5.83
C PHE A 29 -12.66 8.49 -6.51
N LYS A 30 -12.83 8.73 -7.80
CA LYS A 30 -13.97 8.17 -8.52
C LYS A 30 -13.97 6.64 -8.44
N ARG A 31 -12.80 6.02 -8.58
CA ARG A 31 -12.73 4.56 -8.47
C ARG A 31 -13.07 4.05 -7.08
N ALA A 32 -12.69 4.80 -6.05
CA ALA A 32 -12.97 4.41 -4.66
C ALA A 32 -14.46 4.47 -4.36
N VAL A 33 -15.13 5.51 -4.86
CA VAL A 33 -16.56 5.68 -4.59
C VAL A 33 -17.40 4.67 -5.36
N GLU A 34 -17.09 4.52 -6.65
CA GLU A 34 -17.92 3.73 -7.54
C GLU A 34 -17.64 2.25 -7.43
N GLY A 35 -16.40 1.93 -7.12
CA GLY A 35 -15.99 0.55 -7.04
C GLY A 35 -16.36 -0.01 -5.69
N GLN A 36 -16.29 -1.33 -5.57
CA GLN A 36 -16.40 -1.95 -4.28
C GLN A 36 -15.01 -2.45 -3.94
N HIS A 37 -14.40 -1.80 -2.96
CA HIS A 37 -13.27 -2.37 -2.26
C HIS A 37 -13.57 -2.04 -0.82
N ASN A 38 -13.02 -2.79 0.11
CA ASN A 38 -13.10 -2.34 1.47
C ASN A 38 -11.72 -2.12 2.02
N TYR A 39 -11.25 -0.90 1.80
CA TYR A 39 -9.88 -0.57 2.11
C TYR A 39 -9.72 -0.64 3.61
N LEU A 40 -8.58 -1.12 4.05
CA LEU A 40 -8.24 -1.18 5.48
C LEU A 40 -6.81 -0.71 5.69
N CYS A 41 -6.62 0.22 6.64
CA CYS A 41 -5.30 0.70 6.97
C CYS A 41 -4.51 -0.41 7.69
N ALA A 42 -3.22 -0.49 7.41
CA ALA A 42 -2.32 -1.41 8.09
C ALA A 42 -1.55 -0.72 9.21
N GLY A 43 -1.85 0.56 9.48
CA GLY A 43 -1.12 1.30 10.52
C GLY A 43 -2.03 1.68 11.67
N ARG A 44 -2.38 2.96 11.72
CA ARG A 44 -3.10 3.56 12.85
C ARG A 44 -4.14 4.57 12.35
N ASN A 45 -4.59 4.40 11.10
CA ASN A 45 -5.54 5.36 10.47
C ASN A 45 -4.98 6.77 10.36
N ASP A 46 -3.67 6.89 10.19
CA ASP A 46 -3.03 8.20 10.12
C ASP A 46 -1.78 8.16 9.24
N CYS A 47 -1.87 7.48 8.10
CA CYS A 47 -0.73 7.36 7.22
C CYS A 47 -0.39 8.67 6.52
N ILE A 48 0.88 8.86 6.22
CA ILE A 48 1.36 10.00 5.43
C ILE A 48 1.03 9.76 3.95
N ILE A 49 0.29 10.70 3.35
CA ILE A 49 -0.09 10.58 1.96
C ILE A 49 0.65 11.66 1.17
N ASP A 50 1.71 11.26 0.45
CA ASP A 50 2.41 12.20 -0.43
C ASP A 50 2.63 11.54 -1.77
N LYS A 51 3.32 12.20 -2.71
CA LYS A 51 3.41 11.64 -4.06
C LYS A 51 3.87 10.18 -4.08
N ILE A 52 4.87 9.85 -3.27
CA ILE A 52 5.41 8.49 -3.24
C ILE A 52 4.51 7.56 -2.44
N ARG A 53 4.14 7.99 -1.25
CA ARG A 53 3.44 7.13 -0.30
C ARG A 53 1.93 6.98 -0.53
N ARG A 54 1.35 7.76 -1.44
CA ARG A 54 -0.11 7.71 -1.64
C ARG A 54 -0.53 6.34 -2.19
N LYS A 55 0.39 5.61 -2.81
CA LYS A 55 0.07 4.26 -3.23
C LYS A 55 -0.04 3.27 -2.08
N ASN A 56 0.49 3.63 -0.90
CA ASN A 56 0.65 2.63 0.16
C ASN A 56 -0.58 2.43 1.02
N CYS A 57 -1.47 3.40 1.07
CA CYS A 57 -2.66 3.19 1.89
C CYS A 57 -3.86 3.85 1.26
N PRO A 58 -4.61 3.09 0.47
CA PRO A 58 -5.84 3.57 -0.16
C PRO A 58 -6.84 3.96 0.90
N ALA A 59 -6.87 3.29 2.06
CA ALA A 59 -7.83 3.65 3.12
C ALA A 59 -7.59 5.09 3.53
N CYS A 60 -6.34 5.40 3.87
CA CYS A 60 -6.05 6.78 4.34
C CYS A 60 -6.16 7.81 3.17
N ARG A 61 -5.81 7.39 1.96
CA ARG A 61 -5.93 8.28 0.83
C ARG A 61 -7.41 8.65 0.60
N TYR A 62 -8.28 7.65 0.60
CA TYR A 62 -9.71 7.83 0.43
C TYR A 62 -10.29 8.69 1.55
N ARG A 63 -9.92 8.37 2.79
CA ARG A 63 -10.35 9.17 3.93
C ARG A 63 -9.95 10.62 3.74
N LYS A 64 -8.75 10.90 3.25
CA LYS A 64 -8.34 12.29 3.07
C LYS A 64 -9.12 12.98 1.96
N CYS A 65 -9.43 12.25 0.89
CA CYS A 65 -10.27 12.79 -0.18
C CYS A 65 -11.58 13.23 0.41
N LEU A 66 -12.20 12.35 1.19
CA LEU A 66 -13.53 12.65 1.73
C LEU A 66 -13.47 13.80 2.71
N GLN A 67 -12.44 13.81 3.55
CA GLN A 67 -12.33 14.88 4.55
C GLN A 67 -12.03 16.25 3.93
N ALA A 68 -11.39 16.26 2.77
CA ALA A 68 -11.15 17.50 2.05
C ALA A 68 -12.43 17.96 1.34
N GLY A 69 -13.44 17.09 1.38
CA GLY A 69 -14.75 17.40 0.83
C GLY A 69 -14.98 17.01 -0.61
N MET A 70 -14.28 15.99 -1.12
CA MET A 70 -14.51 15.57 -2.49
C MET A 70 -15.88 14.90 -2.59
N ASN A 71 -16.57 15.17 -3.68
CA ASN A 71 -17.92 14.64 -3.89
C ASN A 71 -18.20 14.51 -5.38
N LEU A 72 -18.74 13.37 -5.78
CA LEU A 72 -18.95 13.10 -7.21
C LEU A 72 -19.99 14.03 -7.86
N GLU A 73 -21.07 14.32 -7.17
CA GLU A 73 -22.10 15.21 -7.70
C GLU A 73 -21.83 16.67 -7.36
N ALA A 74 -20.57 17.07 -7.38
CA ALA A 74 -20.21 18.43 -6.94
C ALA A 74 -20.59 19.51 -7.96
N ARG A 75 -20.78 19.13 -9.22
CA ARG A 75 -21.23 20.10 -10.23
C ARG A 75 -22.71 20.37 -10.09
N LYS A 76 -23.34 19.84 -9.06
CA LYS A 76 -24.73 20.14 -8.74
C LYS A 76 -24.83 20.87 -7.40
N SER B 2 2.86 -26.80 11.14
CA SER B 2 2.51 -25.46 10.67
C SER B 2 2.17 -25.48 9.18
N HIS B 3 1.31 -24.56 8.74
CA HIS B 3 0.92 -24.47 7.33
C HIS B 3 0.54 -23.04 6.93
N MET B 4 1.12 -22.08 7.61
CA MET B 4 0.76 -20.69 7.41
C MET B 4 2.00 -19.92 6.99
N CYS B 5 1.85 -18.96 6.07
CA CYS B 5 2.97 -18.14 5.64
C CYS B 5 3.51 -17.32 6.84
N LEU B 6 4.82 -17.36 7.06
CA LEU B 6 5.41 -16.66 8.20
C LEU B 6 5.48 -15.14 7.99
N VAL B 7 5.26 -14.71 6.76
CA VAL B 7 5.29 -13.27 6.45
C VAL B 7 3.89 -12.69 6.56
N CYS B 8 2.91 -13.27 5.89
CA CYS B 8 1.59 -12.63 5.80
C CYS B 8 0.44 -13.44 6.41
N SER B 9 0.72 -14.66 6.86
CA SER B 9 -0.28 -15.56 7.45
C SER B 9 -1.33 -16.16 6.51
N ASP B 10 -1.20 -15.94 5.22
CA ASP B 10 -1.96 -16.69 4.21
C ASP B 10 -1.54 -18.18 4.23
N GLU B 11 -2.27 -19.04 3.52
CA GLU B 11 -1.87 -20.45 3.40
C GLU B 11 -0.49 -20.60 2.76
N ALA B 12 0.44 -21.28 3.43
CA ALA B 12 1.77 -21.46 2.86
C ALA B 12 1.74 -22.48 1.74
N SER B 13 2.55 -22.26 0.70
CA SER B 13 2.64 -23.21 -0.40
C SER B 13 3.89 -24.06 -0.30
N GLY B 14 4.79 -23.67 0.59
CA GLY B 14 5.94 -24.49 0.87
C GLY B 14 7.03 -23.68 1.49
N CYS B 15 8.23 -24.24 1.52
CA CYS B 15 9.34 -23.54 2.15
C CYS B 15 10.18 -22.90 1.04
N HIS B 16 10.16 -21.56 0.97
CA HIS B 16 10.77 -20.83 -0.12
C HIS B 16 11.79 -19.91 0.47
N TYR B 17 12.98 -19.92 -0.14
CA TYR B 17 14.10 -19.07 0.28
C TYR B 17 14.34 -19.24 1.76
N GLY B 18 14.15 -20.46 2.25
CA GLY B 18 14.44 -20.77 3.64
C GLY B 18 13.29 -20.70 4.63
N VAL B 19 12.13 -20.18 4.21
CA VAL B 19 11.05 -19.95 5.13
C VAL B 19 9.71 -20.43 4.62
N LEU B 20 8.87 -20.93 5.50
CA LEU B 20 7.52 -21.33 5.11
C LEU B 20 6.70 -20.07 4.71
N THR B 21 6.31 -20.01 3.43
CA THR B 21 5.64 -18.82 2.89
C THR B 21 4.64 -19.21 1.81
N CYS B 22 3.72 -18.30 1.54
CA CYS B 22 2.83 -18.42 0.41
C CYS B 22 3.55 -18.06 -0.87
N GLY B 23 2.93 -18.37 -2.00
CA GLY B 23 3.50 -18.09 -3.30
C GLY B 23 3.60 -16.60 -3.57
N SER B 24 2.69 -15.80 -3.03
CA SER B 24 2.80 -14.38 -3.29
C SER B 24 4.02 -13.77 -2.57
N CYS B 25 4.29 -14.21 -1.34
CA CYS B 25 5.44 -13.69 -0.62
C CYS B 25 6.75 -14.22 -1.22
N LYS B 26 6.73 -15.44 -1.72
CA LYS B 26 7.88 -15.98 -2.44
C LYS B 26 8.33 -15.03 -3.57
N VAL B 27 7.39 -14.67 -4.45
CA VAL B 27 7.77 -13.90 -5.62
C VAL B 27 7.99 -12.42 -5.25
N PHE B 28 7.29 -11.95 -4.22
CA PHE B 28 7.54 -10.59 -3.76
C PHE B 28 8.99 -10.45 -3.30
N PHE B 29 9.45 -11.43 -2.51
CA PHE B 29 10.81 -11.41 -2.00
C PHE B 29 11.82 -11.51 -3.16
N LYS B 30 11.65 -12.50 -4.05
CA LYS B 30 12.56 -12.62 -5.20
C LYS B 30 12.66 -11.28 -5.94
N ARG B 31 11.52 -10.66 -6.22
CA ARG B 31 11.49 -9.38 -6.95
C ARG B 31 12.20 -8.28 -6.17
N ALA B 32 12.02 -8.26 -4.85
CA ALA B 32 12.66 -7.23 -4.01
C ALA B 32 14.17 -7.44 -3.97
N VAL B 33 14.62 -8.68 -3.83
CA VAL B 33 16.05 -9.00 -3.74
C VAL B 33 16.75 -8.88 -5.10
N GLU B 34 16.07 -9.28 -6.16
CA GLU B 34 16.66 -9.21 -7.50
C GLU B 34 16.76 -7.78 -7.96
N GLY B 35 15.79 -6.98 -7.56
CA GLY B 35 15.67 -5.63 -8.06
C GLY B 35 16.03 -4.59 -7.02
N GLN B 36 15.32 -3.47 -7.10
CA GLN B 36 15.45 -2.41 -6.12
C GLN B 36 14.39 -2.66 -5.07
N HIS B 37 14.63 -2.14 -3.88
CA HIS B 37 13.63 -2.20 -2.85
C HIS B 37 13.71 -0.92 -1.99
N ASN B 38 13.76 0.21 -2.69
CA ASN B 38 13.76 1.55 -2.08
C ASN B 38 12.34 1.96 -1.74
N TYR B 39 11.70 1.16 -0.90
CA TYR B 39 10.32 1.36 -0.52
C TYR B 39 10.25 2.37 0.63
N LEU B 40 9.11 3.02 0.81
CA LEU B 40 8.99 4.02 1.88
C LEU B 40 7.72 3.71 2.65
N CYS B 41 7.80 3.56 3.98
CA CYS B 41 6.60 3.27 4.76
C CYS B 41 5.83 4.59 5.01
N ALA B 42 4.50 4.51 4.95
CA ALA B 42 3.65 5.68 5.19
C ALA B 42 3.21 5.73 6.64
N GLY B 43 3.57 4.70 7.41
CA GLY B 43 3.22 4.65 8.81
C GLY B 43 4.46 4.78 9.68
N ARG B 44 4.67 3.84 10.60
CA ARG B 44 5.82 3.93 11.51
C ARG B 44 6.69 2.68 11.42
N ASN B 45 6.78 2.13 10.22
CA ASN B 45 7.63 0.96 9.94
C ASN B 45 7.25 -0.29 10.74
N ASP B 46 5.99 -0.39 11.12
CA ASP B 46 5.50 -1.60 11.76
C ASP B 46 4.11 -1.96 11.27
N CYS B 47 3.89 -1.79 9.97
CA CYS B 47 2.59 -2.05 9.38
C CYS B 47 2.24 -3.50 9.57
N ILE B 48 0.96 -3.77 9.79
CA ILE B 48 0.49 -5.15 9.86
C ILE B 48 0.47 -5.76 8.45
N ILE B 49 1.06 -6.95 8.28
CA ILE B 49 1.13 -7.61 6.98
C ILE B 49 0.28 -8.88 7.06
N ASP B 50 -0.95 -8.85 6.51
CA ASP B 50 -1.87 -10.00 6.46
C ASP B 50 -2.37 -10.16 5.03
N LYS B 51 -3.27 -11.11 4.76
CA LYS B 51 -3.61 -11.43 3.37
C LYS B 51 -4.07 -10.21 2.56
N ILE B 52 -4.92 -9.35 3.11
CA ILE B 52 -5.39 -8.20 2.35
C ILE B 52 -4.42 -7.02 2.44
N ARG B 53 -3.89 -6.79 3.62
CA ARG B 53 -3.06 -5.62 3.83
C ARG B 53 -1.61 -5.78 3.38
N ARG B 54 -1.21 -6.99 3.02
CA ARG B 54 0.16 -7.19 2.56
C ARG B 54 0.44 -6.35 1.31
N LYS B 55 -0.59 -6.02 0.54
CA LYS B 55 -0.37 -5.08 -0.56
C LYS B 55 -0.03 -3.63 -0.14
N ASN B 56 -0.39 -3.26 1.09
CA ASN B 56 -0.31 -1.85 1.49
C ASN B 56 1.12 -1.33 1.56
N CYS B 57 1.99 -2.09 2.22
CA CYS B 57 3.31 -1.54 2.53
C CYS B 57 4.45 -2.49 2.16
N PRO B 58 5.00 -2.34 0.94
CA PRO B 58 6.13 -3.21 0.53
C PRO B 58 7.33 -3.02 1.45
N ALA B 59 7.57 -1.81 1.98
CA ALA B 59 8.67 -1.63 2.92
C ALA B 59 8.56 -2.58 4.11
N CYS B 60 7.42 -2.61 4.79
CA CYS B 60 7.25 -3.47 5.97
C CYS B 60 7.16 -4.93 5.54
N ARG B 61 6.60 -5.20 4.36
CA ARG B 61 6.55 -6.61 3.90
C ARG B 61 7.97 -7.14 3.68
N TYR B 62 8.85 -6.32 3.10
CA TYR B 62 10.22 -6.77 2.83
C TYR B 62 10.98 -6.93 4.15
N ARG B 63 10.72 -6.02 5.11
CA ARG B 63 11.36 -6.13 6.42
C ARG B 63 10.93 -7.45 7.08
N LYS B 64 9.67 -7.80 6.94
CA LYS B 64 9.15 -9.02 7.56
C LYS B 64 9.77 -10.24 6.90
N CYS B 65 10.02 -10.16 5.59
CA CYS B 65 10.69 -11.29 4.85
C CYS B 65 12.10 -11.43 5.43
N LEU B 66 12.82 -10.32 5.56
CA LEU B 66 14.18 -10.39 6.10
C LEU B 66 14.19 -10.91 7.56
N GLN B 67 13.29 -10.40 8.38
CA GLN B 67 13.24 -10.78 9.78
C GLN B 67 12.95 -12.28 9.93
N ALA B 68 12.14 -12.81 9.04
CA ALA B 68 11.82 -14.25 9.06
C ALA B 68 13.01 -15.09 8.60
N GLY B 69 14.01 -14.45 8.00
CA GLY B 69 15.24 -15.12 7.60
C GLY B 69 15.31 -15.52 6.12
N MET B 70 14.41 -14.99 5.29
CA MET B 70 14.44 -15.33 3.86
C MET B 70 15.77 -14.95 3.22
N ASN B 71 16.30 -15.82 2.38
CA ASN B 71 17.52 -15.51 1.64
C ASN B 71 17.62 -16.34 0.38
N LEU B 72 18.20 -15.75 -0.65
CA LEU B 72 18.17 -16.33 -1.97
C LEU B 72 19.05 -17.55 -2.04
N GLU B 73 20.14 -17.54 -1.30
CA GLU B 73 21.05 -18.67 -1.39
C GLU B 73 20.74 -19.71 -0.32
N ALA B 74 19.45 -19.87 -0.01
CA ALA B 74 19.05 -20.82 1.01
C ALA B 74 19.48 -22.22 0.56
N ARG B 75 19.15 -22.57 -0.68
CA ARG B 75 19.44 -23.88 -1.27
C ARG B 75 20.91 -24.27 -1.17
N LYS B 76 21.74 -23.62 -1.98
CA LYS B 76 23.15 -23.98 -2.08
C LYS B 76 23.93 -23.46 -0.87
ZN ZN E . -3.02 14.05 -5.32
ZN ZN F . -3.39 4.15 6.53
ZN ZN G . 2.61 -14.65 2.48
ZN ZN H . 4.89 0.15 6.65
#